data_2OO8
#
_entry.id   2OO8
#
_cell.length_a   62.604
_cell.length_b   62.604
_cell.length_c   181.043
_cell.angle_alpha   90.00
_cell.angle_beta   90.00
_cell.angle_gamma   90.00
#
_symmetry.space_group_name_H-M   'P 41 21 2'
#
loop_
_entity.id
_entity.type
_entity.pdbx_description
1 polymer 'Angiopoietin-1 receptor'
2 non-polymer N-{3-[3-(DIMETHYLAMINO)PROPYL]-5-(TRIFLUOROMETHYL)PHENYL}-4-METHYL-3-[(3-PYRIMIDIN-4-YLPYRIDIN-2-YL)AMINO]BENZAMIDE
3 water water
#
_entity_poly.entity_id   1
_entity_poly.type   'polypeptide(L)'
_entity_poly.pdbx_seq_one_letter_code
;KNNPDPTIYPVLDWNDIKFQDVIGEGNFGQVLKARIKKDGLRMDAAIKRMKEYASKDDHRDFAGELEVLCKLGHHPNIIN
LLGACEHRGYLYLAIEYAPHGNLLDFLRKSRVLETDPAFAIANSTASTLSSQQLLHFAADVARGMDYLSQKQFIHRDLAA
RNILVGENYVAKIADFGLSRGQEVYVKKTMGRLPVRWMAIESLNYSVYTTNSDVWSYGVLLWEIVSLGGTPYCGMTCAEL
YEKLPQGYRLEKPLNCDDEVYDLMRQCWREKPYERPSFAQILVSLNRMLEERKTYVNTTLYEKFTYAGIDCSAEEAA
;
_entity_poly.pdbx_strand_id   X
#
# COMPACT_ATOMS: atom_id res chain seq x y z
N GLY A 29 14.57 -0.18 -16.98
CA GLY A 29 14.06 -0.53 -18.34
C GLY A 29 12.93 0.36 -18.83
N GLN A 30 12.04 -0.20 -19.64
CA GLN A 30 10.90 0.54 -20.20
C GLN A 30 9.63 -0.32 -20.23
N VAL A 31 8.56 0.19 -19.61
CA VAL A 31 7.32 -0.58 -19.48
C VAL A 31 6.23 -0.12 -20.46
N LEU A 32 5.71 -1.07 -21.21
CA LEU A 32 4.66 -0.81 -22.18
C LEU A 32 3.56 -1.85 -22.07
N LYS A 33 2.32 -1.42 -22.31
CA LYS A 33 1.19 -2.34 -22.37
C LYS A 33 1.30 -3.23 -23.61
N ALA A 34 1.07 -4.52 -23.41
CA ALA A 34 1.07 -5.48 -24.51
C ALA A 34 -0.02 -6.52 -24.33
N ARG A 35 -0.16 -7.37 -25.34
CA ARG A 35 -1.02 -8.55 -25.27
C ARG A 35 -0.17 -9.76 -25.68
N ILE A 36 -0.37 -10.89 -25.00
CA ILE A 36 0.45 -12.08 -25.27
C ILE A 36 -0.30 -13.15 -26.08
N ARG A 42 -3.10 -13.97 -17.83
CA ARG A 42 -4.03 -13.31 -18.74
C ARG A 42 -3.37 -12.81 -20.03
N MET A 43 -4.21 -12.37 -20.97
CA MET A 43 -3.74 -11.90 -22.28
C MET A 43 -3.09 -10.51 -22.19
N ASP A 44 -3.79 -9.59 -21.53
CA ASP A 44 -3.29 -8.21 -21.30
C ASP A 44 -2.12 -8.18 -20.30
N ALA A 45 -1.05 -7.51 -20.70
CA ALA A 45 0.20 -7.52 -19.95
C ALA A 45 0.89 -6.18 -19.88
N ALA A 46 1.66 -5.98 -18.81
CA ALA A 46 2.67 -4.94 -18.75
C ALA A 46 4.02 -5.64 -18.86
N ILE A 47 4.88 -5.15 -19.74
CA ILE A 47 6.17 -5.79 -20.01
C ILE A 47 7.33 -4.84 -19.81
N LYS A 48 8.27 -5.24 -18.98
CA LYS A 48 9.51 -4.49 -18.74
C LYS A 48 10.52 -4.85 -19.84
N ARG A 49 10.91 -3.85 -20.63
CA ARG A 49 11.88 -4.04 -21.72
C ARG A 49 13.27 -3.58 -21.31
N MET A 50 14.23 -4.50 -21.38
CA MET A 50 15.54 -4.30 -20.80
C MET A 50 16.61 -4.90 -21.72
N LYS A 51 17.57 -4.08 -22.14
CA LYS A 51 18.68 -4.54 -22.98
C LYS A 51 19.64 -5.43 -22.19
N GLU A 52 20.08 -6.52 -22.80
CA GLU A 52 20.99 -7.47 -22.15
C GLU A 52 22.42 -6.94 -22.12
N LYS A 56 25.40 -3.04 -16.17
CA LYS A 56 25.83 -4.07 -15.21
C LYS A 56 24.89 -4.18 -14.00
N ASP A 57 24.40 -3.03 -13.53
CA ASP A 57 23.43 -2.98 -12.42
C ASP A 57 22.08 -3.49 -12.90
N ASP A 58 21.59 -2.89 -13.98
CA ASP A 58 20.33 -3.30 -14.62
C ASP A 58 20.30 -4.78 -14.92
N HIS A 59 21.38 -5.32 -15.47
CA HIS A 59 21.47 -6.77 -15.72
C HIS A 59 21.34 -7.60 -14.44
N ARG A 60 21.99 -7.16 -13.37
CA ARG A 60 21.87 -7.83 -12.07
C ARG A 60 20.46 -7.70 -11.49
N ASP A 61 19.88 -6.50 -11.61
CA ASP A 61 18.56 -6.22 -11.03
C ASP A 61 17.44 -6.95 -11.76
N PHE A 62 17.53 -7.01 -13.08
CA PHE A 62 16.58 -7.77 -13.92
C PHE A 62 16.61 -9.28 -13.64
N ALA A 63 17.82 -9.84 -13.61
CA ALA A 63 18.02 -11.24 -13.21
C ALA A 63 17.51 -11.46 -11.79
N GLY A 64 17.91 -10.58 -10.87
CA GLY A 64 17.52 -10.66 -9.46
C GLY A 64 16.01 -10.65 -9.30
N GLU A 65 15.38 -9.66 -9.94
CA GLU A 65 13.95 -9.52 -9.94
C GLU A 65 13.23 -10.76 -10.47
N LEU A 66 13.67 -11.27 -11.63
CA LEU A 66 13.10 -12.50 -12.19
C LEU A 66 13.22 -13.65 -11.23
N GLU A 67 14.41 -13.81 -10.65
CA GLU A 67 14.68 -14.80 -9.62
C GLU A 67 13.64 -14.74 -8.49
N VAL A 68 13.41 -13.54 -7.97
CA VAL A 68 12.44 -13.33 -6.90
C VAL A 68 11.04 -13.73 -7.33
N LEU A 69 10.57 -13.17 -8.44
CA LEU A 69 9.20 -13.38 -8.90
C LEU A 69 8.85 -14.85 -9.17
N CYS A 70 9.84 -15.62 -9.61
CA CYS A 70 9.66 -17.07 -9.87
C CYS A 70 9.39 -17.86 -8.61
N LYS A 71 9.93 -17.36 -7.50
CA LYS A 71 9.86 -18.01 -6.20
C LYS A 71 8.61 -17.62 -5.43
N LEU A 72 7.87 -16.65 -5.95
CA LEU A 72 6.68 -16.12 -5.27
C LEU A 72 5.42 -16.95 -5.47
N GLY A 73 5.37 -17.72 -6.55
CA GLY A 73 4.18 -18.52 -6.84
C GLY A 73 3.06 -17.65 -7.33
N HIS A 74 1.82 -18.10 -7.10
CA HIS A 74 0.66 -17.37 -7.57
C HIS A 74 -0.43 -17.25 -6.51
N HIS A 75 -0.97 -16.04 -6.39
CA HIS A 75 -2.01 -15.74 -5.42
C HIS A 75 -2.76 -14.52 -5.93
N PRO A 76 -4.07 -14.41 -5.67
CA PRO A 76 -4.79 -13.25 -6.22
C PRO A 76 -4.32 -11.87 -5.73
N ASN A 77 -3.70 -11.80 -4.55
CA ASN A 77 -3.26 -10.52 -3.98
C ASN A 77 -1.76 -10.20 -4.12
N ILE A 78 -1.08 -10.93 -4.99
CA ILE A 78 0.27 -10.58 -5.45
C ILE A 78 0.26 -10.48 -6.97
N ILE A 79 1.21 -9.73 -7.54
CA ILE A 79 1.36 -9.64 -9.01
C ILE A 79 1.56 -11.02 -9.65
N ASN A 80 1.20 -11.12 -10.92
CA ASN A 80 1.14 -12.39 -11.63
C ASN A 80 2.21 -12.39 -12.70
N LEU A 81 3.31 -13.08 -12.42
CA LEU A 81 4.38 -13.27 -13.41
C LEU A 81 3.85 -14.11 -14.59
N LEU A 82 3.77 -13.50 -15.76
CA LEU A 82 3.36 -14.24 -16.94
C LEU A 82 4.53 -15.01 -17.54
N GLY A 83 5.67 -14.35 -17.68
CA GLY A 83 6.90 -15.00 -18.09
C GLY A 83 7.98 -14.00 -18.45
N ALA A 84 9.17 -14.51 -18.76
CA ALA A 84 10.25 -13.70 -19.31
C ALA A 84 10.86 -14.36 -20.55
N CYS A 85 11.46 -13.54 -21.43
CA CYS A 85 12.06 -14.02 -22.67
C CYS A 85 13.19 -13.10 -23.15
N GLU A 86 14.09 -13.65 -23.98
CA GLU A 86 15.18 -12.88 -24.59
C GLU A 86 15.13 -12.89 -26.13
N HIS A 87 15.03 -11.70 -26.72
CA HIS A 87 15.05 -11.54 -28.18
C HIS A 87 16.07 -10.49 -28.64
N TYR A 92 13.07 -9.06 -21.48
CA TYR A 92 11.62 -8.85 -21.41
C TYR A 92 10.96 -9.65 -20.28
N LEU A 93 10.27 -8.94 -19.39
CA LEU A 93 9.65 -9.51 -18.20
C LEU A 93 8.21 -9.03 -18.16
N ALA A 94 7.27 -9.97 -18.20
CA ALA A 94 5.87 -9.62 -18.32
C ALA A 94 5.05 -10.06 -17.11
N ILE A 95 4.21 -9.16 -16.61
CA ILE A 95 3.21 -9.51 -15.58
C ILE A 95 1.79 -9.16 -16.06
N GLU A 96 0.78 -9.79 -15.46
CA GLU A 96 -0.59 -9.48 -15.80
C GLU A 96 -0.89 -8.00 -15.57
N TYR A 97 -1.64 -7.41 -16.50
CA TYR A 97 -1.95 -5.99 -16.50
C TYR A 97 -3.00 -5.64 -15.44
N ALA A 98 -2.84 -4.46 -14.84
CA ALA A 98 -3.80 -3.94 -13.87
C ALA A 98 -4.33 -2.64 -14.43
N PRO A 99 -5.62 -2.67 -14.88
CA PRO A 99 -6.19 -1.57 -15.65
C PRO A 99 -6.49 -0.34 -14.80
N HIS A 100 -6.63 -0.53 -13.49
CA HIS A 100 -6.93 0.58 -12.59
C HIS A 100 -5.71 1.25 -11.95
N GLY A 101 -4.51 0.83 -12.33
CA GLY A 101 -3.28 1.45 -11.87
C GLY A 101 -2.95 1.22 -10.40
N ASN A 102 -2.03 2.01 -9.88
CA ASN A 102 -1.53 1.80 -8.51
C ASN A 102 -2.52 2.41 -7.54
N LEU A 103 -2.50 1.91 -6.31
CA LEU A 103 -3.51 2.23 -5.32
C LEU A 103 -3.43 3.69 -4.84
N LEU A 104 -2.23 4.27 -4.79
CA LEU A 104 -2.11 5.65 -4.32
C LEU A 104 -2.90 6.59 -5.23
N ASP A 105 -2.70 6.45 -6.54
CA ASP A 105 -3.39 7.29 -7.54
C ASP A 105 -4.87 7.01 -7.58
N PHE A 106 -5.22 5.73 -7.43
CA PHE A 106 -6.63 5.33 -7.32
C PHE A 106 -7.34 5.95 -6.12
N LEU A 107 -6.74 5.88 -4.93
CA LEU A 107 -7.31 6.53 -3.75
C LEU A 107 -7.55 8.01 -3.97
N ARG A 108 -6.57 8.65 -4.60
CA ARG A 108 -6.60 10.09 -4.80
C ARG A 108 -7.65 10.55 -5.82
N LYS A 109 -7.79 9.76 -6.90
CA LYS A 109 -8.82 10.00 -7.89
C LYS A 109 -10.23 9.84 -7.32
N SER A 110 -10.37 9.09 -6.23
CA SER A 110 -11.67 8.92 -5.60
C SER A 110 -12.12 10.16 -4.79
N ARG A 111 -11.20 11.10 -4.57
CA ARG A 111 -11.48 12.34 -3.84
C ARG A 111 -12.44 13.25 -4.64
N VAL A 112 -13.71 12.86 -4.68
CA VAL A 112 -14.66 13.37 -5.67
C VAL A 112 -15.03 14.87 -5.48
N LEU A 113 -14.93 15.36 -4.24
CA LEU A 113 -15.09 16.78 -3.97
C LEU A 113 -14.10 17.65 -4.75
N GLU A 114 -12.89 17.14 -4.99
CA GLU A 114 -11.86 17.87 -5.74
C GLU A 114 -12.01 17.55 -7.22
N THR A 115 -12.30 16.29 -7.50
CA THR A 115 -12.37 15.75 -8.85
C THR A 115 -13.69 16.13 -9.55
N ASP A 116 -14.77 16.23 -8.80
CA ASP A 116 -16.09 16.46 -9.40
C ASP A 116 -17.07 16.98 -8.36
N PRO A 117 -16.86 18.23 -7.91
CA PRO A 117 -17.65 18.75 -6.81
C PRO A 117 -19.18 18.69 -7.02
N ALA A 118 -19.64 18.93 -8.24
CA ALA A 118 -21.06 18.84 -8.55
C ALA A 118 -21.62 17.45 -8.21
N PHE A 119 -20.94 16.39 -8.62
CA PHE A 119 -21.35 15.04 -8.20
C PHE A 119 -21.23 14.86 -6.68
N ALA A 120 -20.11 15.28 -6.09
CA ALA A 120 -19.85 15.06 -4.67
C ALA A 120 -20.87 15.74 -3.75
N ILE A 121 -21.11 17.03 -3.99
CA ILE A 121 -22.08 17.83 -3.23
C ILE A 121 -23.50 17.29 -3.41
N ALA A 122 -23.93 17.12 -4.65
CA ALA A 122 -25.26 16.55 -4.93
C ALA A 122 -25.48 15.27 -4.15
N ASN A 123 -24.42 14.49 -3.95
CA ASN A 123 -24.48 13.17 -3.29
C ASN A 123 -23.99 13.11 -1.83
N SER A 124 -23.58 14.26 -1.28
CA SER A 124 -23.04 14.37 0.09
C SER A 124 -21.93 13.35 0.37
N THR A 125 -21.03 13.19 -0.59
CA THR A 125 -19.97 12.18 -0.50
C THR A 125 -18.60 12.78 -0.81
N ALA A 126 -17.61 12.38 -0.02
CA ALA A 126 -16.22 12.77 -0.25
C ALA A 126 -15.43 11.77 -1.09
N SER A 127 -16.00 10.59 -1.32
CA SER A 127 -15.31 9.55 -2.08
C SER A 127 -16.24 8.65 -2.89
N THR A 128 -15.81 8.27 -4.08
CA THR A 128 -16.49 7.22 -4.83
C THR A 128 -16.18 5.84 -4.25
N LEU A 129 -15.36 5.80 -3.21
CA LEU A 129 -15.04 4.53 -2.52
C LEU A 129 -15.73 4.47 -1.17
N SER A 130 -16.42 3.36 -0.92
CA SER A 130 -17.04 3.14 0.38
C SER A 130 -16.00 2.64 1.39
N SER A 131 -16.33 2.78 2.66
CA SER A 131 -15.63 2.17 3.77
C SER A 131 -15.38 0.67 3.54
N GLN A 132 -16.37 -0.03 3.02
CA GLN A 132 -16.27 -1.46 2.75
C GLN A 132 -15.18 -1.72 1.70
N GLN A 133 -15.18 -0.97 0.60
CA GLN A 133 -14.19 -1.09 -0.44
C GLN A 133 -12.77 -0.74 0.05
N LEU A 134 -12.67 0.25 0.92
CA LEU A 134 -11.39 0.65 1.48
C LEU A 134 -10.79 -0.40 2.39
N LEU A 135 -11.60 -0.97 3.29
CA LEU A 135 -11.13 -2.02 4.16
C LEU A 135 -10.83 -3.31 3.38
N HIS A 136 -11.49 -3.48 2.24
CA HIS A 136 -11.25 -4.65 1.39
C HIS A 136 -9.90 -4.56 0.69
N PHE A 137 -9.53 -3.38 0.22
CA PHE A 137 -8.18 -3.16 -0.29
C PHE A 137 -7.18 -3.52 0.81
N ALA A 138 -7.44 -3.03 2.03
CA ALA A 138 -6.52 -3.27 3.15
C ALA A 138 -6.40 -4.74 3.50
N ALA A 139 -7.51 -5.46 3.41
CA ALA A 139 -7.57 -6.89 3.69
C ALA A 139 -6.82 -7.66 2.61
N ASP A 140 -7.02 -7.25 1.35
CA ASP A 140 -6.28 -7.83 0.22
C ASP A 140 -4.77 -7.75 0.44
N VAL A 141 -4.28 -6.62 0.90
CA VAL A 141 -2.84 -6.44 1.10
C VAL A 141 -2.32 -7.26 2.26
N ALA A 142 -3.12 -7.30 3.34
CA ALA A 142 -2.83 -8.15 4.49
C ALA A 142 -2.82 -9.63 4.05
N ARG A 143 -3.78 -10.03 3.21
CA ARG A 143 -3.86 -11.42 2.73
C ARG A 143 -2.63 -11.76 1.88
N GLY A 144 -2.23 -10.82 1.02
CA GLY A 144 -1.07 -11.04 0.18
C GLY A 144 0.23 -11.09 0.95
N MET A 145 0.36 -10.21 1.94
CA MET A 145 1.56 -10.20 2.77
C MET A 145 1.62 -11.40 3.72
N ASP A 146 0.47 -11.88 4.17
CA ASP A 146 0.49 -13.12 4.95
C ASP A 146 1.03 -14.26 4.09
N TYR A 147 0.56 -14.37 2.85
CA TYR A 147 1.04 -15.36 1.89
C TYR A 147 2.56 -15.28 1.67
N LEU A 148 3.06 -14.09 1.38
CA LEU A 148 4.48 -13.87 1.17
C LEU A 148 5.33 -14.07 2.43
N SER A 149 4.90 -13.52 3.56
CA SER A 149 5.68 -13.65 4.79
C SER A 149 5.78 -15.09 5.30
N GLN A 150 4.84 -15.95 4.93
CA GLN A 150 4.92 -17.36 5.30
C GLN A 150 5.99 -18.09 4.46
N LYS A 151 6.49 -17.42 3.43
CA LYS A 151 7.62 -17.92 2.66
C LYS A 151 8.90 -17.20 3.03
N GLN A 152 8.91 -16.52 4.18
CA GLN A 152 10.05 -15.68 4.62
C GLN A 152 10.44 -14.58 3.62
N PHE A 153 9.49 -14.16 2.78
CA PHE A 153 9.69 -12.98 1.94
C PHE A 153 9.53 -11.72 2.78
N ILE A 154 10.45 -10.78 2.59
CA ILE A 154 10.39 -9.46 3.20
C ILE A 154 10.27 -8.46 2.06
N HIS A 155 9.24 -7.62 2.08
CA HIS A 155 8.96 -6.74 0.97
C HIS A 155 9.97 -5.59 0.92
N ARG A 156 10.04 -4.86 2.04
CA ARG A 156 10.95 -3.72 2.25
C ARG A 156 10.43 -2.34 1.77
N ASP A 157 9.36 -2.31 1.00
CA ASP A 157 8.85 -1.03 0.49
C ASP A 157 7.33 -0.97 0.34
N LEU A 158 6.63 -1.49 1.34
CA LEU A 158 5.17 -1.43 1.36
C LEU A 158 4.68 0.01 1.49
N ALA A 159 3.78 0.38 0.61
CA ALA A 159 3.27 1.72 0.47
C ALA A 159 2.20 1.60 -0.61
N ALA A 160 1.19 2.45 -0.57
CA ALA A 160 0.08 2.39 -1.56
C ALA A 160 0.58 2.55 -3.00
N ARG A 161 1.67 3.29 -3.20
CA ARG A 161 2.29 3.42 -4.53
C ARG A 161 2.73 2.08 -5.12
N ASN A 162 3.01 1.09 -4.27
CA ASN A 162 3.47 -0.23 -4.75
C ASN A 162 2.38 -1.31 -4.81
N ILE A 163 1.12 -0.87 -4.65
CA ILE A 163 -0.03 -1.78 -4.75
C ILE A 163 -0.77 -1.49 -6.05
N LEU A 164 -1.02 -2.53 -6.84
CA LEU A 164 -1.86 -2.36 -8.04
C LEU A 164 -3.33 -2.68 -7.77
N VAL A 165 -4.22 -1.89 -8.34
CA VAL A 165 -5.65 -2.18 -8.33
C VAL A 165 -5.96 -2.96 -9.60
N GLY A 166 -6.17 -4.27 -9.45
CA GLY A 166 -6.18 -5.17 -10.61
C GLY A 166 -7.58 -5.53 -11.08
N GLU A 167 -7.69 -6.62 -11.81
CA GLU A 167 -9.00 -7.07 -12.33
C GLU A 167 -9.96 -7.32 -11.16
N ASN A 168 -11.16 -6.77 -11.27
CA ASN A 168 -12.23 -6.96 -10.29
C ASN A 168 -11.98 -6.18 -9.00
N TYR A 169 -11.08 -5.20 -9.09
CA TYR A 169 -10.66 -4.34 -7.95
C TYR A 169 -10.02 -5.13 -6.79
N VAL A 170 -9.29 -6.17 -7.17
CA VAL A 170 -8.49 -6.98 -6.26
C VAL A 170 -7.11 -6.32 -6.15
N ALA A 171 -6.69 -6.00 -4.92
CA ALA A 171 -5.41 -5.34 -4.69
C ALA A 171 -4.30 -6.37 -4.79
N LYS A 172 -3.19 -5.95 -5.41
CA LYS A 172 -2.05 -6.80 -5.71
C LYS A 172 -0.75 -6.14 -5.27
N ILE A 173 -0.03 -6.81 -4.38
CA ILE A 173 1.29 -6.36 -3.97
C ILE A 173 2.25 -6.37 -5.14
N ALA A 174 2.99 -5.28 -5.29
CA ALA A 174 4.02 -5.17 -6.31
C ALA A 174 5.20 -4.43 -5.71
N ASP A 175 6.19 -4.15 -6.54
CA ASP A 175 7.35 -3.36 -6.13
C ASP A 175 7.98 -2.75 -7.38
N PHE A 176 7.79 -1.44 -7.56
CA PHE A 176 8.25 -0.72 -8.77
C PHE A 176 9.64 -0.09 -8.62
N GLY A 177 10.20 -0.18 -7.42
CA GLY A 177 11.53 0.33 -7.15
C GLY A 177 11.52 1.69 -6.47
N LEU A 178 12.71 2.07 -5.98
CA LEU A 178 12.93 3.29 -5.25
C LEU A 178 13.37 4.40 -6.22
N MET A 190 18.49 8.97 -7.79
CA MET A 190 18.94 9.21 -6.40
C MET A 190 18.65 8.06 -5.41
N GLY A 191 17.67 7.19 -5.75
CA GLY A 191 17.34 6.01 -4.93
C GLY A 191 17.00 6.30 -3.47
N ARG A 192 16.29 7.41 -3.26
CA ARG A 192 16.01 7.96 -1.92
C ARG A 192 15.22 6.98 -1.04
N LEU A 193 15.63 6.85 0.23
CA LEU A 193 14.97 5.95 1.18
C LEU A 193 13.54 6.43 1.51
N PRO A 194 12.57 5.50 1.50
CA PRO A 194 11.15 5.82 1.75
C PRO A 194 10.87 6.04 3.25
N VAL A 195 11.54 7.04 3.80
CA VAL A 195 11.57 7.38 5.22
C VAL A 195 10.20 7.37 5.91
N ARG A 196 9.21 8.00 5.29
CA ARG A 196 7.85 8.06 5.90
C ARG A 196 7.15 6.73 6.08
N TRP A 197 7.58 5.67 5.38
CA TRP A 197 7.03 4.32 5.55
C TRP A 197 7.86 3.38 6.45
N MET A 198 9.07 3.81 6.80
CA MET A 198 10.08 2.94 7.44
C MET A 198 9.96 2.84 8.96
N ALA A 199 10.08 1.61 9.47
CA ALA A 199 10.20 1.36 10.91
C ALA A 199 11.49 1.98 11.44
N ILE A 200 11.45 2.39 12.70
CA ILE A 200 12.60 3.05 13.33
C ILE A 200 13.87 2.23 13.21
N GLU A 201 13.75 0.92 13.38
CA GLU A 201 14.89 -0.01 13.33
C GLU A 201 15.46 -0.13 11.91
N SER A 202 14.65 0.17 10.91
CA SER A 202 15.10 0.21 9.53
C SER A 202 15.86 1.53 9.27
N LEU A 203 15.36 2.62 9.85
CA LEU A 203 15.98 3.94 9.68
C LEU A 203 17.34 4.00 10.36
N ASN A 204 17.44 3.35 11.52
CA ASN A 204 18.63 3.39 12.36
C ASN A 204 19.63 2.28 12.13
N TYR A 205 19.17 1.08 11.79
CA TYR A 205 20.08 -0.08 11.66
C TYR A 205 19.98 -0.87 10.37
N SER A 206 19.14 -0.42 9.43
CA SER A 206 18.84 -1.23 8.26
C SER A 206 18.37 -2.64 8.63
N VAL A 207 17.65 -2.75 9.75
CA VAL A 207 16.95 -4.02 10.08
C VAL A 207 15.63 -4.11 9.32
N TYR A 208 15.49 -5.12 8.47
CA TYR A 208 14.27 -5.34 7.68
C TYR A 208 13.77 -6.74 7.95
N THR A 209 12.58 -6.81 8.54
CA THR A 209 11.94 -8.04 8.94
C THR A 209 10.47 -7.95 8.52
N THR A 210 9.74 -9.05 8.74
CA THR A 210 8.29 -9.03 8.59
C THR A 210 7.67 -7.98 9.51
N ASN A 211 8.26 -7.81 10.69
CA ASN A 211 7.79 -6.80 11.67
C ASN A 211 7.94 -5.34 11.18
N SER A 212 9.01 -5.04 10.46
CA SER A 212 9.15 -3.70 9.84
C SER A 212 8.20 -3.55 8.62
N ASP A 213 8.00 -4.64 7.89
CA ASP A 213 6.95 -4.70 6.85
C ASP A 213 5.57 -4.35 7.45
N VAL A 214 5.29 -4.80 8.67
CA VAL A 214 4.02 -4.52 9.36
C VAL A 214 3.92 -3.03 9.69
N TRP A 215 5.04 -2.45 10.15
CA TRP A 215 5.08 -0.98 10.32
C TRP A 215 4.59 -0.25 9.05
N SER A 216 5.31 -0.47 7.96
CA SER A 216 4.99 0.09 6.65
C SER A 216 3.55 -0.18 6.24
N TYR A 217 3.06 -1.40 6.53
CA TYR A 217 1.65 -1.75 6.28
C TYR A 217 0.73 -0.81 7.05
N GLY A 218 1.04 -0.55 8.33
CA GLY A 218 0.26 0.40 9.11
C GLY A 218 0.20 1.77 8.46
N VAL A 219 1.32 2.23 7.88
CA VAL A 219 1.29 3.51 7.17
C VAL A 219 0.44 3.41 5.89
N LEU A 220 0.56 2.30 5.15
CA LEU A 220 -0.31 1.97 4.01
C LEU A 220 -1.80 2.03 4.40
N LEU A 221 -2.14 1.42 5.52
CA LEU A 221 -3.49 1.49 6.08
C LEU A 221 -3.90 2.94 6.31
N TRP A 222 -2.99 3.74 6.85
CA TRP A 222 -3.23 5.18 7.00
C TRP A 222 -3.47 5.89 5.65
N GLU A 223 -2.74 5.49 4.62
CA GLU A 223 -2.90 6.06 3.29
C GLU A 223 -4.30 5.74 2.76
N ILE A 224 -4.74 4.48 2.94
CA ILE A 224 -6.06 4.03 2.50
C ILE A 224 -7.16 4.87 3.13
N VAL A 225 -7.14 4.94 4.46
CA VAL A 225 -8.15 5.64 5.23
C VAL A 225 -8.18 7.16 4.94
N SER A 226 -7.01 7.74 4.67
CA SER A 226 -6.92 9.15 4.36
C SER A 226 -7.07 9.46 2.85
N LEU A 227 -7.33 8.42 2.06
CA LEU A 227 -7.53 8.53 0.61
C LEU A 227 -6.30 9.07 -0.12
N GLY A 228 -5.12 8.56 0.24
CA GLY A 228 -3.87 8.88 -0.45
C GLY A 228 -3.19 10.14 0.05
N GLY A 229 -3.44 10.49 1.30
CA GLY A 229 -2.74 11.59 1.94
C GLY A 229 -1.28 11.22 2.15
N THR A 230 -0.44 12.26 2.17
CA THR A 230 0.98 12.16 2.51
C THR A 230 1.11 11.93 4.03
N PRO A 231 1.79 10.85 4.45
CA PRO A 231 1.94 10.64 5.88
C PRO A 231 2.83 11.73 6.47
N TYR A 232 2.48 12.21 7.66
CA TYR A 232 3.21 13.29 8.34
C TYR A 232 3.31 14.58 7.48
N CYS A 233 2.24 14.92 6.74
CA CYS A 233 2.20 16.14 5.91
C CYS A 233 2.59 17.36 6.76
N GLY A 234 3.48 18.18 6.21
CA GLY A 234 3.94 19.39 6.90
C GLY A 234 5.05 19.11 7.88
N MET A 235 5.59 17.89 7.82
CA MET A 235 6.69 17.47 8.67
C MET A 235 7.78 16.97 7.73
N THR A 236 9.02 17.34 8.03
CA THR A 236 10.16 16.90 7.22
C THR A 236 10.62 15.53 7.69
N CYS A 237 11.35 14.84 6.81
CA CYS A 237 11.94 13.54 7.13
C CYS A 237 12.93 13.60 8.28
N ALA A 238 13.60 14.75 8.42
CA ALA A 238 14.57 14.95 9.49
C ALA A 238 13.88 15.05 10.84
N GLU A 239 12.72 15.71 10.85
CA GLU A 239 11.82 15.76 12.01
C GLU A 239 11.33 14.38 12.43
N LEU A 240 11.27 13.45 11.49
CA LEU A 240 10.87 12.07 11.77
C LEU A 240 11.96 11.27 12.46
N TYR A 241 13.20 11.39 11.96
CA TYR A 241 14.36 10.77 12.62
C TYR A 241 14.40 11.17 14.09
N GLU A 242 13.98 12.40 14.37
CA GLU A 242 13.99 12.97 15.72
C GLU A 242 12.79 12.48 16.52
N LYS A 243 11.59 12.72 16.00
CA LYS A 243 10.37 12.56 16.80
C LYS A 243 9.91 11.12 17.01
N LEU A 244 10.18 10.25 16.03
CA LEU A 244 9.71 8.86 16.09
C LEU A 244 10.24 8.06 17.31
N PRO A 245 11.58 8.07 17.58
CA PRO A 245 12.10 7.42 18.80
C PRO A 245 11.56 8.02 20.09
N GLN A 246 11.04 9.24 20.02
CA GLN A 246 10.33 9.86 21.14
C GLN A 246 8.89 9.32 21.29
N GLY A 247 8.44 8.54 20.32
CA GLY A 247 7.13 7.89 20.42
C GLY A 247 6.04 8.66 19.71
N TYR A 248 6.45 9.59 18.85
CA TYR A 248 5.51 10.30 18.00
C TYR A 248 4.98 9.36 16.91
N ARG A 249 3.66 9.35 16.72
CA ARG A 249 3.03 8.57 15.64
C ARG A 249 2.03 9.42 14.88
N LEU A 250 1.65 8.97 13.69
CA LEU A 250 0.57 9.60 12.93
C LEU A 250 -0.70 9.71 13.77
N GLU A 251 -1.35 10.86 13.69
CA GLU A 251 -2.59 11.05 14.44
C GLU A 251 -3.78 10.34 13.75
N LYS A 252 -4.81 10.04 14.55
CA LYS A 252 -6.08 9.48 14.07
C LYS A 252 -6.77 10.40 13.08
N PRO A 253 -6.96 9.92 11.84
CA PRO A 253 -7.74 10.68 10.87
C PRO A 253 -9.17 10.96 11.38
N LEU A 254 -9.73 12.10 10.99
CA LEU A 254 -11.06 12.52 11.46
C LEU A 254 -12.17 11.55 11.04
N ASN A 255 -12.06 11.04 9.80
CA ASN A 255 -13.01 10.11 9.19
C ASN A 255 -12.87 8.64 9.64
N CYS A 256 -12.06 8.39 10.67
CA CYS A 256 -11.64 7.04 11.02
C CYS A 256 -12.22 6.54 12.35
N ASP A 257 -12.75 5.32 12.38
CA ASP A 257 -13.18 4.70 13.65
C ASP A 257 -11.97 4.39 14.54
N ASP A 258 -12.11 4.55 15.85
CA ASP A 258 -11.05 4.25 16.82
C ASP A 258 -10.42 2.87 16.62
N GLU A 259 -11.25 1.93 16.19
CA GLU A 259 -10.84 0.54 16.01
C GLU A 259 -9.84 0.36 14.88
N VAL A 260 -9.99 1.16 13.83
CA VAL A 260 -9.06 1.11 12.70
C VAL A 260 -7.78 1.84 13.05
N TYR A 261 -7.90 2.97 13.73
CA TYR A 261 -6.74 3.66 14.28
C TYR A 261 -5.90 2.76 15.21
N ASP A 262 -6.56 2.00 16.09
CA ASP A 262 -5.90 1.05 16.99
C ASP A 262 -5.10 -0.04 16.28
N LEU A 263 -5.63 -0.57 15.18
CA LEU A 263 -4.89 -1.52 14.35
C LEU A 263 -3.62 -0.87 13.81
N MET A 264 -3.73 0.34 13.26
CA MET A 264 -2.59 1.13 12.82
C MET A 264 -1.53 1.28 13.92
N ARG A 265 -1.97 1.65 15.13
CA ARG A 265 -1.07 1.86 16.27
C ARG A 265 -0.29 0.63 16.67
N GLN A 266 -0.95 -0.54 16.66
CA GLN A 266 -0.31 -1.82 16.90
C GLN A 266 0.85 -2.07 15.92
N CYS A 267 0.64 -1.70 14.65
CA CYS A 267 1.67 -1.83 13.62
C CYS A 267 2.92 -0.98 13.89
N TRP A 268 2.78 0.04 14.72
CA TRP A 268 3.87 1.01 14.91
C TRP A 268 4.48 0.96 16.31
N ARG A 269 4.20 -0.11 17.06
CA ARG A 269 4.89 -0.35 18.31
C ARG A 269 6.40 -0.26 18.11
N GLU A 270 7.05 0.43 19.06
CA GLU A 270 8.51 0.54 19.12
C GLU A 270 9.16 -0.86 19.12
N LYS A 271 8.61 -1.77 19.91
CA LYS A 271 9.17 -3.12 19.98
C LYS A 271 8.68 -3.93 18.79
N PRO A 272 9.59 -4.29 17.86
CA PRO A 272 9.16 -5.02 16.66
C PRO A 272 8.34 -6.26 17.00
N TYR A 273 8.80 -6.99 18.02
CA TYR A 273 8.19 -8.24 18.51
C TYR A 273 6.78 -8.09 19.07
N GLU A 274 6.35 -6.87 19.37
CA GLU A 274 4.99 -6.63 19.87
C GLU A 274 3.97 -6.29 18.78
N ARG A 275 4.42 -6.18 17.52
CA ARG A 275 3.53 -5.86 16.42
C ARG A 275 2.74 -7.09 16.01
N PRO A 276 1.52 -6.89 15.47
CA PRO A 276 0.72 -8.05 15.07
C PRO A 276 1.33 -8.71 13.85
N SER A 277 0.92 -9.95 13.56
CA SER A 277 1.27 -10.57 12.27
C SER A 277 0.27 -10.15 11.20
N PHE A 278 0.61 -10.37 9.94
CA PHE A 278 -0.28 -10.09 8.82
C PHE A 278 -1.60 -10.91 8.92
N ALA A 279 -1.50 -12.13 9.44
CA ALA A 279 -2.69 -12.98 9.65
C ALA A 279 -3.58 -12.38 10.72
N GLN A 280 -2.97 -11.82 11.76
CA GLN A 280 -3.75 -11.16 12.82
C GLN A 280 -4.43 -9.91 12.28
N ILE A 281 -3.72 -9.16 11.44
CA ILE A 281 -4.26 -7.95 10.83
C ILE A 281 -5.44 -8.30 9.93
N LEU A 282 -5.26 -9.35 9.13
CA LEU A 282 -6.27 -9.85 8.20
C LEU A 282 -7.57 -10.25 8.89
N VAL A 283 -7.44 -10.98 9.99
CA VAL A 283 -8.59 -11.45 10.76
C VAL A 283 -9.36 -10.27 11.36
N SER A 284 -8.64 -9.25 11.85
CA SER A 284 -9.29 -8.07 12.41
C SER A 284 -10.01 -7.29 11.34
N LEU A 285 -9.37 -7.11 10.20
CA LEU A 285 -10.00 -6.46 9.05
C LEU A 285 -11.23 -7.23 8.56
N ASN A 286 -11.11 -8.56 8.47
CA ASN A 286 -12.25 -9.45 8.14
C ASN A 286 -13.39 -9.31 9.10
N ARG A 287 -13.07 -9.29 10.39
CA ARG A 287 -14.08 -9.04 11.40
C ARG A 287 -14.82 -7.75 11.12
N MET A 288 -14.08 -6.66 10.91
CA MET A 288 -14.67 -5.33 10.70
C MET A 288 -15.58 -5.32 9.48
N LEU A 289 -15.10 -5.89 8.39
CA LEU A 289 -15.87 -5.98 7.14
C LEU A 289 -17.18 -6.78 7.25
N GLU A 290 -17.23 -7.73 8.18
CA GLU A 290 -18.43 -8.52 8.40
C GLU A 290 -19.51 -7.72 9.11
N GLU A 291 -19.11 -6.75 9.92
CA GLU A 291 -20.06 -5.92 10.67
C GLU A 291 -20.90 -4.97 9.79
N ARG A 292 -22.07 -4.60 10.31
CA ARG A 292 -22.94 -3.59 9.68
C ARG A 292 -22.31 -2.20 9.76
N LYS A 293 -21.73 -1.92 10.92
CA LYS A 293 -21.00 -0.67 11.23
C LYS A 293 -20.09 -0.20 10.10
N THR A 294 -20.12 1.11 9.83
CA THR A 294 -19.23 1.79 8.89
C THR A 294 -18.00 2.31 9.64
N TYR A 295 -16.80 2.02 9.14
CA TYR A 295 -15.56 2.30 9.89
C TYR A 295 -14.83 3.53 9.39
N VAL A 296 -14.98 3.81 8.10
CA VAL A 296 -14.38 4.99 7.50
C VAL A 296 -15.53 5.88 7.01
N ASN A 297 -15.67 7.06 7.60
CA ASN A 297 -16.72 7.99 7.17
C ASN A 297 -16.33 8.70 5.88
N THR A 298 -17.14 8.53 4.83
CA THR A 298 -16.89 9.21 3.55
C THR A 298 -17.95 10.26 3.18
N THR A 299 -18.82 10.60 4.13
CA THR A 299 -19.87 11.58 3.89
C THR A 299 -19.35 13.02 4.03
N LEU A 300 -19.95 13.94 3.27
CA LEU A 300 -19.65 15.35 3.38
C LEU A 300 -20.34 16.02 4.56
N TYR A 301 -19.62 16.96 5.17
CA TYR A 301 -20.18 17.86 6.17
C TYR A 301 -19.61 19.26 5.94
N GLU A 302 -20.15 20.24 6.65
CA GLU A 302 -19.84 21.65 6.45
C GLU A 302 -18.33 21.95 6.44
N LYS A 303 -17.62 21.47 7.45
CA LYS A 303 -16.18 21.76 7.56
C LYS A 303 -15.25 20.66 6.99
N PHE A 304 -15.76 19.83 6.07
CA PHE A 304 -14.95 18.72 5.55
C PHE A 304 -13.70 19.19 4.81
N THR A 305 -12.57 18.56 5.18
CA THR A 305 -11.31 18.76 4.49
C THR A 305 -10.61 17.39 4.31
N TYR A 306 -9.90 17.24 3.19
CA TYR A 306 -9.12 16.05 2.94
C TYR A 306 -7.76 16.14 3.64
N ALA A 307 -7.17 14.98 3.95
CA ALA A 307 -5.78 14.94 4.37
C ALA A 307 -4.90 15.45 3.21
N GLY A 308 -3.95 16.31 3.54
CA GLY A 308 -3.13 16.98 2.53
C GLY A 308 -2.17 16.08 1.78
N ILE A 309 -1.83 16.50 0.56
CA ILE A 309 -0.96 15.73 -0.30
C ILE A 309 0.32 16.51 -0.60
N ASP A 310 0.15 17.71 -1.13
CA ASP A 310 1.28 18.50 -1.63
C ASP A 310 1.59 19.70 -0.71
#